data_1GZC
#
_entry.id   1GZC
#
_cell.length_a   81.800
_cell.length_b   81.800
_cell.length_c   126.100
_cell.angle_alpha   90.00
_cell.angle_beta   90.00
_cell.angle_gamma   90.00
#
_symmetry.space_group_name_H-M   'P 43 21 2'
#
loop_
_entity.id
_entity.type
_entity.pdbx_description
1 polymer 'ERYTHRINA CRISTA-GALLI LECTIN'
2 branched beta-D-galactopyranose-(1-4)-beta-D-glucopyranose
3 non-polymer 'MANGANESE (II) ION'
4 non-polymer 'CALCIUM ION'
5 water water
#
_entity_poly.entity_id   1
_entity_poly.type   'polypeptide(L)'
_entity_poly.pdbx_seq_one_letter_code
;VETISFSFSEFEPGNDNLTLQGAALITQSGVLQLTKINQNGMPAWDSTGRTLYTKPVHMWDSTTGTVASFETRFSFSIEQ
PYTRPLPADGLVFFMGPTKSKPAQGYGYLGVFNNSKQDNSYQTLAVEFDTFSNPWDPPQVPHIGIDVNSIRSIKTQPFQL
DNGQVANVVIKYDAPSKILHVVLVYPSSGAIYTIAEIVDVKQVLPDWVDVGLSGATGAQRDAAETHDVYSWSFQASLPE
;
_entity_poly.pdbx_strand_id   A
#
loop_
_chem_comp.id
_chem_comp.type
_chem_comp.name
_chem_comp.formula
BGC D-saccharide, beta linking beta-D-glucopyranose 'C6 H12 O6'
CA non-polymer 'CALCIUM ION' 'Ca 2'
GAL D-saccharide, beta linking beta-D-galactopyranose 'C6 H12 O6'
MN non-polymer 'MANGANESE (II) ION' 'Mn 2'
#
# COMPACT_ATOMS: atom_id res chain seq x y z
N VAL A 1 24.25 7.12 -11.65
CA VAL A 1 22.86 6.77 -11.20
C VAL A 1 22.69 6.99 -9.71
N GLU A 2 21.59 7.61 -9.32
CA GLU A 2 21.28 7.86 -7.91
C GLU A 2 20.33 6.74 -7.49
N THR A 3 20.79 5.87 -6.60
CA THR A 3 19.97 4.74 -6.16
C THR A 3 19.65 4.70 -4.67
N ILE A 4 18.56 4.04 -4.33
CA ILE A 4 18.19 3.88 -2.93
C ILE A 4 17.64 2.49 -2.83
N SER A 5 17.95 1.81 -1.74
CA SER A 5 17.53 0.44 -1.59
C SER A 5 17.41 0.03 -0.12
N PHE A 6 16.38 -0.77 0.20
CA PHE A 6 16.18 -1.30 1.55
C PHE A 6 15.45 -2.62 1.46
N SER A 7 15.65 -3.43 2.49
CA SER A 7 15.04 -4.71 2.58
C SER A 7 14.85 -5.18 4.03
N PHE A 8 13.61 -5.37 4.43
CA PHE A 8 13.29 -5.86 5.77
C PHE A 8 12.78 -7.29 5.55
N SER A 9 13.61 -8.28 5.88
CA SER A 9 13.17 -9.66 5.77
C SER A 9 12.14 -9.97 6.89
N GLU A 10 12.20 -9.19 7.97
CA GLU A 10 11.20 -9.20 9.05
C GLU A 10 11.34 -7.83 9.71
N PHE A 11 10.40 -7.46 10.59
CA PHE A 11 10.49 -6.14 11.22
C PHE A 11 10.97 -6.36 12.63
N GLU A 12 11.50 -5.30 13.25
CA GLU A 12 12.01 -5.42 14.63
C GLU A 12 11.66 -4.10 15.39
N PRO A 13 11.06 -4.22 16.59
CA PRO A 13 10.74 -3.00 17.34
C PRO A 13 11.99 -2.14 17.48
N GLY A 14 11.89 -0.84 17.25
CA GLY A 14 13.03 0.05 17.37
C GLY A 14 13.83 0.27 16.10
N ASN A 15 13.42 -0.36 15.00
CA ASN A 15 14.19 -0.18 13.76
C ASN A 15 14.31 1.31 13.34
N ASP A 16 15.56 1.75 13.09
CA ASP A 16 15.92 3.13 12.69
C ASP A 16 15.30 3.63 11.41
N ASN A 17 14.95 2.71 10.55
CA ASN A 17 14.53 3.08 9.19
C ASN A 17 13.05 3.18 8.92
N LEU A 18 12.22 3.03 9.95
CA LEU A 18 10.76 3.12 9.74
C LEU A 18 10.06 4.09 10.65
N THR A 19 9.20 4.90 10.07
CA THR A 19 8.32 5.82 10.79
C THR A 19 6.99 5.08 10.94
N LEU A 20 6.43 5.13 12.13
CA LEU A 20 5.15 4.46 12.40
C LEU A 20 4.11 5.57 12.69
N GLN A 21 2.97 5.48 12.01
CA GLN A 21 1.91 6.49 12.15
C GLN A 21 0.57 5.86 12.52
N GLY A 22 -0.24 6.64 13.24
CA GLY A 22 -1.56 6.15 13.59
C GLY A 22 -1.47 4.91 14.44
N ALA A 23 -2.21 3.87 14.07
CA ALA A 23 -2.26 2.63 14.85
C ALA A 23 -1.13 1.64 14.66
N ALA A 24 -0.31 1.88 13.63
CA ALA A 24 0.72 0.89 13.25
C ALA A 24 1.75 0.60 14.31
N LEU A 25 2.12 -0.68 14.43
CA LEU A 25 3.15 -1.03 15.39
C LEU A 25 3.86 -2.30 14.92
N ILE A 26 5.07 -2.48 15.45
CA ILE A 26 5.85 -3.66 15.14
C ILE A 26 5.84 -4.59 16.34
N THR A 27 5.53 -5.86 16.12
CA THR A 27 5.51 -6.83 17.24
C THR A 27 6.91 -7.44 17.51
N GLN A 28 7.09 -8.00 18.72
CA GLN A 28 8.36 -8.63 19.05
C GLN A 28 8.58 -9.83 18.13
N SER A 29 7.50 -10.45 17.64
CA SER A 29 7.60 -11.59 16.71
C SER A 29 8.01 -11.18 15.26
N GLY A 30 8.13 -9.87 15.01
CA GLY A 30 8.58 -9.37 13.71
C GLY A 30 7.57 -8.94 12.66
N VAL A 31 6.32 -8.76 13.08
CA VAL A 31 5.22 -8.42 12.20
C VAL A 31 4.82 -6.96 12.31
N LEU A 32 4.64 -6.30 11.17
CA LEU A 32 4.17 -4.92 11.19
C LEU A 32 2.62 -5.02 11.18
N GLN A 33 1.94 -4.69 12.28
CA GLN A 33 0.48 -4.74 12.28
C GLN A 33 0.02 -3.32 11.94
N LEU A 34 -0.45 -3.13 10.70
CA LEU A 34 -0.85 -1.80 10.30
C LEU A 34 -2.07 -1.30 11.05
N THR A 35 -3.00 -2.19 11.37
CA THR A 35 -4.19 -1.76 12.09
C THR A 35 -4.32 -2.54 13.38
N LYS A 36 -4.98 -1.91 14.34
CA LYS A 36 -4.99 -2.48 15.71
C LYS A 36 -5.55 -3.87 15.90
N ILE A 37 -4.81 -4.71 16.65
CA ILE A 37 -5.27 -6.08 16.96
C ILE A 37 -5.56 -6.02 18.46
N ASN A 38 -6.82 -6.25 18.84
CA ASN A 38 -7.23 -6.18 20.22
C ASN A 38 -6.57 -7.25 21.09
N GLN A 39 -6.77 -7.09 22.41
CA GLN A 39 -6.21 -8.02 23.39
C GLN A 39 -6.57 -9.47 23.07
N ASN A 40 -7.83 -9.69 22.70
CA ASN A 40 -8.34 -11.03 22.33
C ASN A 40 -7.78 -11.58 21.02
N GLY A 41 -6.90 -10.83 20.35
CA GLY A 41 -6.32 -11.30 19.09
C GLY A 41 -7.18 -10.96 17.88
N MET A 42 -8.30 -10.28 18.14
CA MET A 42 -9.24 -9.92 17.07
C MET A 42 -8.96 -8.53 16.52
N PRO A 43 -9.16 -8.34 15.21
CA PRO A 43 -8.89 -6.99 14.68
C PRO A 43 -9.93 -5.95 15.10
N ALA A 44 -9.48 -4.74 15.43
CA ALA A 44 -10.37 -3.65 15.84
C ALA A 44 -10.89 -2.83 14.66
N TRP A 45 -12.16 -2.44 14.71
CA TRP A 45 -12.69 -1.55 13.67
C TRP A 45 -12.23 -0.12 14.01
N ASP A 46 -12.48 0.81 13.08
CA ASP A 46 -12.16 2.19 13.20
C ASP A 46 -10.67 2.45 13.45
N SER A 47 -9.82 1.68 12.75
CA SER A 47 -8.36 1.81 12.96
C SER A 47 -7.67 2.15 11.64
N THR A 48 -6.66 3.00 11.72
CA THR A 48 -5.88 3.37 10.53
C THR A 48 -4.43 3.45 10.97
N GLY A 49 -3.51 2.88 10.17
CA GLY A 49 -2.11 2.96 10.56
C GLY A 49 -1.23 2.91 9.33
N ARG A 50 -0.03 3.49 9.41
CA ARG A 50 0.86 3.50 8.25
C ARG A 50 2.31 3.38 8.69
N THR A 51 3.16 2.98 7.75
CA THR A 51 4.59 3.06 7.99
C THR A 51 5.21 3.78 6.78
N LEU A 52 6.27 4.53 7.00
CA LEU A 52 6.99 5.20 5.91
C LEU A 52 8.48 4.85 6.06
N TYR A 53 9.17 4.65 4.95
CA TYR A 53 10.63 4.45 5.07
C TYR A 53 11.15 5.84 5.48
N THR A 54 12.23 5.89 6.26
CA THR A 54 12.67 7.20 6.77
C THR A 54 13.41 8.13 5.82
N LYS A 55 13.89 7.61 4.69
CA LYS A 55 14.59 8.46 3.73
C LYS A 55 13.72 8.67 2.50
N PRO A 56 13.71 9.89 1.93
CA PRO A 56 12.91 10.19 0.73
C PRO A 56 13.61 9.58 -0.50
N VAL A 57 12.84 9.38 -1.59
CA VAL A 57 13.33 8.75 -2.81
C VAL A 57 13.29 9.74 -3.96
N HIS A 58 14.38 9.83 -4.71
CA HIS A 58 14.41 10.82 -5.81
C HIS A 58 13.83 10.16 -7.05
N MET A 59 12.60 10.55 -7.41
CA MET A 59 11.89 9.94 -8.54
C MET A 59 12.11 10.58 -9.89
N TRP A 60 12.49 11.85 -9.91
CA TRP A 60 12.82 12.48 -11.21
C TRP A 60 13.68 13.71 -10.94
N ASP A 61 14.53 14.05 -11.89
CA ASP A 61 15.42 15.21 -11.72
C ASP A 61 14.82 16.48 -12.34
N SER A 62 14.62 17.49 -11.49
CA SER A 62 14.00 18.70 -11.95
C SER A 62 14.87 19.48 -12.93
N THR A 63 16.16 19.15 -12.98
CA THR A 63 17.05 19.86 -13.88
C THR A 63 17.28 19.16 -15.20
N THR A 64 17.57 17.86 -15.16
CA THR A 64 17.82 17.09 -16.38
C THR A 64 16.62 16.36 -16.99
N GLY A 65 15.55 16.18 -16.22
CA GLY A 65 14.40 15.49 -16.75
C GLY A 65 14.48 13.96 -16.69
N THR A 66 15.53 13.39 -16.09
CA THR A 66 15.61 11.93 -15.98
C THR A 66 14.50 11.49 -15.02
N VAL A 67 14.11 10.23 -15.14
CA VAL A 67 13.00 9.65 -14.32
C VAL A 67 13.45 8.30 -13.79
N ALA A 68 13.14 8.03 -12.53
CA ALA A 68 13.52 6.76 -11.90
C ALA A 68 12.62 5.56 -12.23
N SER A 69 13.24 4.37 -12.18
CA SER A 69 12.50 3.10 -12.29
C SER A 69 12.59 2.56 -10.87
N PHE A 70 11.64 1.72 -10.46
CA PHE A 70 11.72 1.19 -9.11
C PHE A 70 11.00 -0.18 -9.03
N GLU A 71 11.28 -0.89 -7.93
CA GLU A 71 10.67 -2.17 -7.65
C GLU A 71 10.40 -2.28 -6.16
N THR A 72 9.22 -2.78 -5.79
CA THR A 72 9.01 -3.03 -4.38
C THR A 72 8.32 -4.39 -4.25
N ARG A 73 8.66 -5.12 -3.19
CA ARG A 73 8.04 -6.41 -2.88
C ARG A 73 7.67 -6.46 -1.39
N PHE A 74 6.54 -7.08 -1.07
CA PHE A 74 6.17 -7.26 0.33
C PHE A 74 5.24 -8.43 0.48
N SER A 75 5.16 -8.98 1.70
CA SER A 75 4.30 -10.12 2.00
C SER A 75 3.33 -9.65 3.05
N PHE A 76 2.06 -9.95 2.87
CA PHE A 76 1.08 -9.52 3.88
C PHE A 76 0.04 -10.58 4.10
N SER A 77 -0.71 -10.45 5.17
CA SER A 77 -1.88 -11.30 5.33
C SER A 77 -3.08 -10.46 5.82
N ILE A 78 -4.24 -10.82 5.31
CA ILE A 78 -5.50 -10.22 5.75
C ILE A 78 -6.40 -11.39 6.22
N GLU A 79 -6.82 -11.33 7.49
CA GLU A 79 -7.71 -12.35 8.07
C GLU A 79 -9.00 -11.60 8.40
N GLN A 80 -10.12 -12.12 7.88
CA GLN A 80 -11.47 -11.49 8.07
C GLN A 80 -12.21 -12.50 8.98
N PRO A 81 -12.11 -12.31 10.29
CA PRO A 81 -12.76 -13.28 11.20
C PRO A 81 -14.23 -13.18 11.55
N TYR A 82 -14.89 -12.11 11.17
CA TYR A 82 -16.29 -11.92 11.56
C TYR A 82 -17.20 -12.37 10.45
N THR A 83 -18.30 -13.02 10.83
CA THR A 83 -19.27 -13.50 9.85
C THR A 83 -20.10 -12.31 9.37
N ARG A 84 -20.25 -11.32 10.24
CA ARG A 84 -20.97 -10.12 9.86
C ARG A 84 -20.44 -8.99 10.76
N PRO A 85 -20.48 -7.75 10.30
CA PRO A 85 -20.93 -7.22 9.01
C PRO A 85 -19.85 -7.52 7.96
N LEU A 86 -19.92 -6.88 6.79
CA LEU A 86 -18.89 -7.13 5.77
C LEU A 86 -17.55 -6.55 6.26
N PRO A 87 -16.44 -7.21 5.89
CA PRO A 87 -15.09 -6.75 6.28
C PRO A 87 -14.68 -5.48 5.53
N ALA A 88 -13.68 -4.77 6.08
CA ALA A 88 -13.23 -3.51 5.47
C ALA A 88 -11.93 -3.12 6.19
N ASP A 89 -11.10 -2.25 5.63
CA ASP A 89 -11.29 -1.59 4.33
C ASP A 89 -10.17 -1.97 3.36
N GLY A 90 -8.98 -2.35 3.85
CA GLY A 90 -7.92 -2.75 2.93
C GLY A 90 -6.56 -2.21 3.30
N LEU A 91 -5.56 -2.51 2.47
CA LEU A 91 -4.20 -1.97 2.70
C LEU A 91 -3.62 -1.53 1.36
N VAL A 92 -2.51 -0.77 1.40
CA VAL A 92 -2.08 -0.14 0.16
C VAL A 92 -0.62 0.26 0.26
N PHE A 93 0.08 0.18 -0.87
CA PHE A 93 1.45 0.67 -0.97
C PHE A 93 1.31 2.04 -1.61
N PHE A 94 2.03 3.06 -1.13
CA PHE A 94 1.84 4.38 -1.74
C PHE A 94 3.12 5.20 -1.80
N MET A 95 3.19 6.13 -2.75
CA MET A 95 4.35 7.01 -2.93
C MET A 95 3.75 8.42 -3.14
N GLY A 96 4.27 9.42 -2.43
CA GLY A 96 3.68 10.76 -2.59
C GLY A 96 4.55 11.79 -1.90
N PRO A 97 4.05 13.01 -1.70
CA PRO A 97 4.83 14.08 -1.05
C PRO A 97 5.52 13.64 0.22
N THR A 98 6.73 14.17 0.44
CA THR A 98 7.51 13.86 1.66
C THR A 98 6.87 14.52 2.87
N LYS A 99 7.31 14.09 4.05
CA LYS A 99 6.79 14.62 5.32
C LYS A 99 5.32 14.31 5.42
N SER A 100 4.96 13.23 4.77
CA SER A 100 3.61 12.74 4.66
C SER A 100 2.90 12.36 6.01
N LYS A 101 1.68 12.83 6.27
CA LYS A 101 0.92 12.45 7.51
C LYS A 101 -0.33 11.63 7.11
N PRO A 102 -0.91 10.81 8.02
CA PRO A 102 -2.09 10.06 7.59
C PRO A 102 -3.22 10.92 7.10
N ALA A 103 -3.89 10.44 6.05
CA ALA A 103 -5.01 11.20 5.52
C ALA A 103 -6.30 10.67 6.13
N GLN A 104 -7.39 10.53 5.36
CA GLN A 104 -8.62 10.01 5.93
C GLN A 104 -8.60 8.46 5.93
N GLY A 105 -9.30 7.88 6.90
CA GLY A 105 -9.39 6.42 7.04
C GLY A 105 -10.52 5.79 6.22
N TYR A 106 -11.02 4.68 6.73
CA TYR A 106 -12.07 3.88 6.08
C TYR A 106 -11.69 3.60 4.62
N GLY A 107 -12.61 3.84 3.67
CA GLY A 107 -12.31 3.55 2.28
C GLY A 107 -11.22 4.38 1.64
N TYR A 108 -10.76 5.44 2.31
CA TYR A 108 -9.67 6.27 1.78
C TYR A 108 -8.30 5.71 2.16
N LEU A 109 -8.33 4.63 2.96
CA LEU A 109 -7.16 3.79 3.31
C LEU A 109 -5.98 4.51 3.96
N GLY A 110 -6.26 5.66 4.56
CA GLY A 110 -5.20 6.44 5.18
C GLY A 110 -4.38 7.27 4.22
N VAL A 111 -4.73 7.23 2.93
CA VAL A 111 -3.96 7.92 1.89
C VAL A 111 -4.62 9.12 1.22
N PHE A 112 -5.93 9.03 0.99
CA PHE A 112 -6.63 10.16 0.32
C PHE A 112 -7.60 10.86 1.28
N ASN A 113 -8.11 12.04 0.89
CA ASN A 113 -9.02 12.83 1.75
C ASN A 113 -10.50 12.71 1.42
N ASN A 114 -10.80 12.43 0.16
CA ASN A 114 -12.17 12.19 -0.25
C ASN A 114 -12.14 11.40 -1.55
N SER A 115 -13.27 11.24 -2.24
CA SER A 115 -13.28 10.38 -3.42
C SER A 115 -13.07 11.07 -4.77
N LYS A 116 -12.72 12.35 -4.76
CA LYS A 116 -12.50 13.04 -6.01
C LYS A 116 -11.07 12.97 -6.46
N GLN A 117 -10.85 13.02 -7.77
CA GLN A 117 -9.49 13.04 -8.29
C GLN A 117 -8.94 14.44 -7.99
N ASP A 118 -7.68 14.52 -7.60
CA ASP A 118 -7.09 15.83 -7.28
C ASP A 118 -5.62 15.68 -7.61
N ASN A 119 -5.19 16.29 -8.71
CA ASN A 119 -3.79 16.18 -9.08
C ASN A 119 -2.82 16.66 -8.01
N SER A 120 -3.32 17.48 -7.06
CA SER A 120 -2.49 17.96 -5.95
C SER A 120 -2.07 16.88 -4.97
N TYR A 121 -2.76 15.74 -4.99
CA TYR A 121 -2.35 14.65 -4.11
C TYR A 121 -0.92 14.24 -4.44
N GLN A 122 -0.58 14.31 -5.73
CA GLN A 122 0.72 13.90 -6.27
C GLN A 122 1.06 12.55 -5.67
N THR A 123 0.07 11.65 -5.68
CA THR A 123 0.26 10.34 -5.09
C THR A 123 -0.05 9.19 -6.05
N LEU A 124 0.82 8.16 -6.03
CA LEU A 124 0.60 6.94 -6.83
C LEU A 124 0.43 5.85 -5.77
N ALA A 125 -0.57 4.98 -5.91
CA ALA A 125 -0.73 3.91 -4.90
C ALA A 125 -1.25 2.62 -5.53
N VAL A 126 -0.88 1.49 -4.94
CA VAL A 126 -1.37 0.18 -5.38
C VAL A 126 -2.13 -0.39 -4.17
N GLU A 127 -3.46 -0.46 -4.32
CA GLU A 127 -4.30 -0.92 -3.20
C GLU A 127 -4.75 -2.37 -3.29
N PHE A 128 -5.06 -2.96 -2.13
CA PHE A 128 -5.62 -4.33 -2.00
C PHE A 128 -6.82 -4.00 -1.12
N ASP A 129 -7.93 -3.78 -1.81
CA ASP A 129 -9.17 -3.22 -1.25
C ASP A 129 -10.22 -4.28 -0.97
N THR A 130 -10.70 -4.29 0.28
CA THR A 130 -11.62 -5.32 0.70
C THR A 130 -13.08 -4.92 0.88
N PHE A 131 -13.41 -3.65 0.65
CA PHE A 131 -14.79 -3.20 0.82
C PHE A 131 -15.21 -2.41 -0.39
N SER A 132 -16.37 -2.76 -0.97
CA SER A 132 -16.83 -2.03 -2.16
C SER A 132 -17.59 -0.72 -1.82
N ASN A 133 -16.88 0.40 -1.88
CA ASN A 133 -17.43 1.72 -1.64
C ASN A 133 -18.20 2.20 -2.91
N PRO A 134 -18.87 3.38 -2.82
CA PRO A 134 -19.64 3.94 -3.94
C PRO A 134 -18.81 4.16 -5.22
N TRP A 135 -17.51 4.38 -5.06
CA TRP A 135 -16.62 4.57 -6.21
C TRP A 135 -15.89 3.31 -6.68
N ASP A 136 -16.15 2.18 -6.06
CA ASP A 136 -15.43 0.93 -6.35
C ASP A 136 -16.17 -0.03 -7.27
N PRO A 137 -15.43 -0.98 -7.87
CA PRO A 137 -16.07 -2.00 -8.72
C PRO A 137 -16.69 -2.88 -7.61
N PRO A 138 -17.67 -3.72 -7.95
CA PRO A 138 -18.34 -4.60 -6.99
C PRO A 138 -17.49 -5.73 -6.42
N GLN A 139 -16.58 -6.28 -7.22
CA GLN A 139 -15.79 -7.42 -6.74
C GLN A 139 -14.79 -7.02 -5.67
N VAL A 140 -14.89 -7.64 -4.51
CA VAL A 140 -13.89 -7.45 -3.46
C VAL A 140 -13.47 -8.84 -2.96
N PRO A 141 -12.18 -8.99 -2.66
CA PRO A 141 -11.12 -7.97 -2.77
C PRO A 141 -10.74 -7.68 -4.21
N HIS A 142 -10.10 -6.53 -4.42
CA HIS A 142 -9.54 -6.21 -5.71
C HIS A 142 -8.21 -5.48 -5.57
N ILE A 143 -7.34 -5.68 -6.56
CA ILE A 143 -6.10 -4.89 -6.64
C ILE A 143 -6.52 -3.65 -7.41
N GLY A 144 -5.97 -2.50 -7.03
CA GLY A 144 -6.28 -1.26 -7.77
C GLY A 144 -5.05 -0.39 -7.99
N ILE A 145 -4.96 0.24 -9.17
CA ILE A 145 -3.87 1.18 -9.44
C ILE A 145 -4.56 2.56 -9.32
N ASP A 146 -4.08 3.33 -8.32
CA ASP A 146 -4.65 4.64 -7.95
C ASP A 146 -3.69 5.76 -8.29
N VAL A 147 -4.12 6.65 -9.19
CA VAL A 147 -3.29 7.78 -9.59
C VAL A 147 -4.03 9.04 -9.17
N ASN A 148 -3.57 9.67 -8.08
CA ASN A 148 -4.18 10.92 -7.58
C ASN A 148 -5.66 10.80 -7.25
N SER A 149 -6.11 9.59 -6.98
CA SER A 149 -7.50 9.37 -6.64
C SER A 149 -7.70 7.96 -6.07
N ILE A 150 -8.63 7.85 -5.12
CA ILE A 150 -9.01 6.55 -4.55
C ILE A 150 -9.88 5.79 -5.62
N ARG A 151 -10.35 6.48 -6.67
CA ARG A 151 -11.14 5.79 -7.71
C ARG A 151 -10.11 5.28 -8.73
N SER A 152 -9.79 4.00 -8.61
CA SER A 152 -8.72 3.41 -9.42
C SER A 152 -8.92 3.56 -10.91
N ILE A 153 -7.83 3.82 -11.61
CA ILE A 153 -7.90 3.85 -13.06
C ILE A 153 -8.06 2.44 -13.63
N LYS A 154 -7.63 1.44 -12.87
CA LYS A 154 -7.78 0.04 -13.31
C LYS A 154 -7.76 -0.90 -12.08
N THR A 155 -8.61 -1.93 -12.08
CA THR A 155 -8.68 -2.89 -10.99
C THR A 155 -8.65 -4.33 -11.49
N GLN A 156 -8.34 -5.25 -10.59
CA GLN A 156 -8.32 -6.68 -10.92
C GLN A 156 -8.81 -7.43 -9.67
N PRO A 157 -9.94 -8.12 -9.78
CA PRO A 157 -10.46 -8.86 -8.61
C PRO A 157 -9.49 -9.97 -8.19
N PHE A 158 -9.45 -10.29 -6.90
CA PHE A 158 -8.68 -11.45 -6.45
C PHE A 158 -9.42 -12.10 -5.31
N GLN A 159 -9.27 -13.41 -5.18
CA GLN A 159 -9.95 -14.12 -4.11
C GLN A 159 -9.06 -14.09 -2.88
N LEU A 160 -9.62 -13.72 -1.75
CA LEU A 160 -8.83 -13.72 -0.55
C LEU A 160 -8.63 -15.19 -0.14
N ASP A 161 -7.44 -15.54 0.31
CA ASP A 161 -7.25 -16.88 0.89
C ASP A 161 -7.16 -16.43 2.37
N ASN A 162 -8.30 -16.51 3.07
CA ASN A 162 -8.42 -15.97 4.46
C ASN A 162 -7.30 -16.28 5.43
N GLY A 163 -6.63 -15.23 5.91
CA GLY A 163 -5.55 -15.38 6.86
C GLY A 163 -4.22 -15.88 6.32
N GLN A 164 -4.16 -16.17 5.01
CA GLN A 164 -2.92 -16.68 4.41
C GLN A 164 -2.01 -15.54 3.92
N VAL A 165 -0.73 -15.85 3.77
CA VAL A 165 0.24 -14.85 3.29
C VAL A 165 0.26 -14.67 1.76
N ALA A 166 0.12 -13.43 1.32
CA ALA A 166 0.18 -13.08 -0.11
C ALA A 166 1.51 -12.43 -0.37
N ASN A 167 2.09 -12.70 -1.55
CA ASN A 167 3.35 -12.08 -1.93
C ASN A 167 3.03 -11.07 -3.06
N VAL A 168 3.53 -9.86 -2.91
CA VAL A 168 3.28 -8.81 -3.90
C VAL A 168 4.60 -8.36 -4.53
N VAL A 169 4.53 -8.12 -5.84
CA VAL A 169 5.69 -7.58 -6.58
C VAL A 169 5.16 -6.42 -7.44
N ILE A 170 5.75 -5.23 -7.27
CA ILE A 170 5.36 -4.06 -8.03
C ILE A 170 6.61 -3.50 -8.73
N LYS A 171 6.54 -3.32 -10.04
CA LYS A 171 7.68 -2.74 -10.74
C LYS A 171 7.22 -1.57 -11.61
N TYR A 172 8.01 -0.52 -11.62
CA TYR A 172 7.73 0.61 -12.49
C TYR A 172 8.96 0.82 -13.42
N ASP A 173 8.72 0.85 -14.74
CA ASP A 173 9.84 1.03 -15.70
C ASP A 173 9.66 2.39 -16.35
N ALA A 174 10.55 3.33 -16.06
CA ALA A 174 10.37 4.67 -16.62
C ALA A 174 10.36 4.77 -18.17
N PRO A 175 11.24 4.03 -18.86
CA PRO A 175 11.26 4.11 -20.33
C PRO A 175 9.91 3.77 -20.99
N SER A 176 9.28 2.70 -20.51
CA SER A 176 7.98 2.29 -21.04
C SER A 176 6.79 2.91 -20.33
N LYS A 177 7.04 3.51 -19.16
CA LYS A 177 6.00 4.10 -18.28
C LYS A 177 5.02 3.00 -17.79
N ILE A 178 5.48 1.77 -17.76
CA ILE A 178 4.60 0.66 -17.32
C ILE A 178 4.75 0.35 -15.82
N LEU A 179 3.62 0.42 -15.11
CA LEU A 179 3.58 -0.01 -13.69
C LEU A 179 2.98 -1.42 -13.78
N HIS A 180 3.74 -2.45 -13.37
CA HIS A 180 3.18 -3.79 -13.35
C HIS A 180 3.20 -4.42 -11.98
N VAL A 181 2.05 -5.02 -11.67
CA VAL A 181 1.80 -5.56 -10.35
C VAL A 181 1.43 -7.03 -10.37
N VAL A 182 2.00 -7.79 -9.44
CA VAL A 182 1.71 -9.19 -9.32
C VAL A 182 1.36 -9.53 -7.87
N LEU A 183 0.35 -10.36 -7.70
CA LEU A 183 -0.02 -10.91 -6.37
C LEU A 183 -0.05 -12.41 -6.49
N VAL A 184 0.64 -13.10 -5.57
CA VAL A 184 0.68 -14.56 -5.53
C VAL A 184 0.33 -15.09 -4.14
N TYR A 185 -0.52 -16.10 -4.08
CA TYR A 185 -0.79 -16.77 -2.78
C TYR A 185 -0.11 -18.16 -2.79
N PRO A 186 1.05 -18.31 -2.13
CA PRO A 186 1.72 -19.64 -2.13
C PRO A 186 0.76 -20.74 -1.64
N SER A 187 -0.08 -20.41 -0.66
CA SER A 187 -1.04 -21.36 -0.10
C SER A 187 -1.92 -22.04 -1.16
N SER A 188 -2.48 -21.26 -2.08
CA SER A 188 -3.37 -21.82 -3.10
C SER A 188 -2.76 -21.91 -4.51
N GLY A 189 -1.65 -21.21 -4.72
CA GLY A 189 -1.03 -21.18 -6.03
C GLY A 189 -1.63 -20.09 -6.93
N ALA A 190 -2.63 -19.33 -6.45
CA ALA A 190 -3.26 -18.31 -7.28
C ALA A 190 -2.27 -17.20 -7.65
N ILE A 191 -2.38 -16.72 -8.89
CA ILE A 191 -1.52 -15.65 -9.38
C ILE A 191 -2.41 -14.62 -10.07
N TYR A 192 -2.21 -13.34 -9.72
CA TYR A 192 -2.97 -12.23 -10.32
C TYR A 192 -1.98 -11.24 -10.86
N THR A 193 -2.30 -10.61 -12.00
CA THR A 193 -1.42 -9.60 -12.61
C THR A 193 -2.25 -8.45 -13.16
N ILE A 194 -1.72 -7.24 -13.02
CA ILE A 194 -2.42 -6.06 -13.53
C ILE A 194 -1.35 -5.03 -13.89
N ALA A 195 -1.52 -4.33 -15.02
CA ALA A 195 -0.53 -3.34 -15.42
C ALA A 195 -1.21 -2.14 -16.05
N GLU A 196 -0.54 -0.99 -15.97
CA GLU A 196 -1.11 0.22 -16.57
C GLU A 196 0.00 1.21 -16.82
N ILE A 197 -0.25 2.18 -17.71
CA ILE A 197 0.68 3.21 -18.04
C ILE A 197 0.57 4.30 -16.98
N VAL A 198 1.70 4.73 -16.45
CA VAL A 198 1.75 5.80 -15.44
C VAL A 198 2.92 6.73 -15.74
N ASP A 199 2.65 8.02 -15.93
CA ASP A 199 3.73 8.97 -16.21
C ASP A 199 4.14 9.54 -14.81
N VAL A 200 5.15 8.98 -14.16
CA VAL A 200 5.50 9.47 -12.82
C VAL A 200 6.03 10.89 -12.74
N LYS A 201 6.60 11.40 -13.82
CA LYS A 201 7.12 12.77 -13.76
C LYS A 201 5.92 13.72 -13.69
N GLN A 202 4.79 13.33 -14.29
CA GLN A 202 3.58 14.14 -14.26
C GLN A 202 2.83 13.96 -12.94
N VAL A 203 2.80 12.74 -12.44
CA VAL A 203 2.04 12.41 -11.22
C VAL A 203 2.67 12.76 -9.87
N LEU A 204 3.91 12.36 -9.67
CA LEU A 204 4.61 12.56 -8.43
C LEU A 204 5.51 13.79 -8.32
N PRO A 205 5.85 14.21 -7.08
CA PRO A 205 6.74 15.35 -6.93
C PRO A 205 8.14 14.73 -7.24
N ASP A 206 9.16 15.56 -7.41
CA ASP A 206 10.46 14.98 -7.73
C ASP A 206 11.07 14.09 -6.62
N TRP A 207 10.69 14.35 -5.36
CA TRP A 207 11.13 13.58 -4.20
C TRP A 207 9.87 13.08 -3.53
N VAL A 208 9.88 11.82 -3.08
CA VAL A 208 8.70 11.21 -2.43
C VAL A 208 9.06 10.41 -1.20
N ASP A 209 8.05 10.14 -0.37
CA ASP A 209 8.24 9.19 0.72
C ASP A 209 7.48 7.95 0.16
N VAL A 210 7.93 6.77 0.58
CA VAL A 210 7.24 5.52 0.22
C VAL A 210 6.76 4.86 1.51
N GLY A 211 5.57 4.28 1.44
CA GLY A 211 5.04 3.65 2.63
C GLY A 211 3.94 2.63 2.37
N LEU A 212 3.46 2.05 3.48
CA LEU A 212 2.36 1.10 3.46
C LEU A 212 1.32 1.63 4.40
N SER A 213 0.03 1.41 4.13
CA SER A 213 -1.02 1.94 5.03
C SER A 213 -2.17 0.93 5.06
N GLY A 214 -2.90 0.89 6.17
CA GLY A 214 -4.04 -0.03 6.26
C GLY A 214 -5.18 0.63 7.03
N ALA A 215 -6.42 0.18 6.81
CA ALA A 215 -7.56 0.75 7.52
C ALA A 215 -8.64 -0.26 7.74
N THR A 216 -9.27 -0.18 8.92
CA THR A 216 -10.47 -1.00 9.18
C THR A 216 -11.68 -0.05 9.15
N GLY A 217 -12.88 -0.64 9.21
CA GLY A 217 -14.09 0.11 8.93
C GLY A 217 -14.79 0.99 9.90
N ALA A 218 -15.89 1.58 9.41
CA ALA A 218 -16.66 2.59 10.15
C ALA A 218 -17.79 2.10 11.06
N GLN A 219 -17.92 0.79 11.24
CA GLN A 219 -18.94 0.27 12.16
C GLN A 219 -18.39 -0.97 12.84
N ARG A 220 -18.92 -1.28 14.02
CA ARG A 220 -18.44 -2.44 14.77
C ARG A 220 -18.26 -3.70 13.98
N ASP A 221 -17.08 -4.28 14.19
CA ASP A 221 -16.65 -5.50 13.53
C ASP A 221 -16.51 -5.48 11.99
N ALA A 222 -16.62 -4.32 11.33
CA ALA A 222 -16.34 -4.21 9.85
C ALA A 222 -14.79 -4.06 9.94
N ALA A 223 -14.14 -5.20 10.14
CA ALA A 223 -12.70 -5.20 10.40
C ALA A 223 -12.00 -6.47 9.96
N GLU A 224 -10.69 -6.39 9.87
CA GLU A 224 -9.86 -7.50 9.41
C GLU A 224 -8.43 -7.10 9.76
N THR A 225 -7.51 -8.07 9.80
CA THR A 225 -6.11 -7.73 10.04
C THR A 225 -5.47 -7.14 8.75
N HIS A 226 -4.36 -6.41 8.92
CA HIS A 226 -3.54 -5.88 7.79
C HIS A 226 -2.10 -6.01 8.30
N ASP A 227 -1.64 -7.27 8.31
CA ASP A 227 -0.30 -7.58 8.81
C ASP A 227 0.72 -7.71 7.67
N VAL A 228 1.91 -7.14 7.88
CA VAL A 228 2.98 -7.18 6.86
C VAL A 228 4.18 -7.89 7.47
N TYR A 229 4.77 -8.81 6.71
CA TYR A 229 5.89 -9.63 7.23
C TYR A 229 7.27 -9.25 6.69
N SER A 230 7.32 -8.65 5.51
CA SER A 230 8.61 -8.26 4.94
C SER A 230 8.32 -7.19 3.91
N TRP A 231 9.33 -6.40 3.57
CA TRP A 231 9.14 -5.31 2.60
C TRP A 231 10.51 -4.90 2.08
N SER A 232 10.66 -4.85 0.75
CA SER A 232 11.93 -4.40 0.15
C SER A 232 11.60 -3.40 -0.93
N PHE A 233 12.58 -2.57 -1.27
CA PHE A 233 12.38 -1.50 -2.25
C PHE A 233 13.69 -1.10 -2.90
N GLN A 234 13.64 -0.75 -4.17
CA GLN A 234 14.86 -0.33 -4.89
C GLN A 234 14.44 0.69 -5.97
N ALA A 235 15.15 1.82 -6.09
CA ALA A 235 14.84 2.81 -7.13
C ALA A 235 16.17 3.26 -7.73
N SER A 236 16.18 3.55 -9.05
CA SER A 236 17.40 4.02 -9.74
C SER A 236 17.04 5.18 -10.61
N LEU A 237 17.71 6.32 -10.44
CA LEU A 237 17.48 7.51 -11.24
C LEU A 237 18.72 7.79 -12.07
N PRO A 238 18.59 7.72 -13.41
CA PRO A 238 19.72 7.96 -14.32
C PRO A 238 20.35 9.34 -14.15
N GLU A 239 21.67 9.43 -14.36
CA GLU A 239 22.36 10.71 -14.25
C GLU A 239 23.17 11.00 -15.52
C2 BGC B . -22.43 3.12 8.52
C3 BGC B . -20.91 3.14 8.17
C4 BGC B . -20.70 3.59 6.72
C5 BGC B . -21.36 4.95 6.44
C6 BGC B . -21.31 5.31 4.95
C1 BGC B . -22.97 4.51 8.25
O1 BGC B . -24.34 4.53 8.54
O2 BGC B . -22.56 2.73 9.88
O3 BGC B . -20.37 1.83 8.41
O4 BGC B . -19.26 3.77 6.39
O5 BGC B . -22.79 4.83 6.83
O6 BGC B . -21.86 6.60 4.72
O6 BGC B . -22.03 4.36 4.15
C1 GAL B . -18.62 2.73 5.63
C2 GAL B . -17.27 3.21 5.13
C3 GAL B . -16.61 2.01 4.33
C4 GAL B . -16.50 0.81 5.28
C5 GAL B . -17.89 0.44 5.82
C6 GAL B . -17.84 -0.69 6.84
O2 GAL B . -17.41 4.36 4.26
O3 GAL B . -15.35 2.41 3.82
O4 GAL B . -15.70 1.10 6.43
O5 GAL B . -18.48 1.59 6.48
O6 GAL B . -19.18 -1.14 7.03
MN MN C . -10.94 0.20 -4.67
CA CA D . -12.94 0.29 -0.99
#